data_3UPZ
#
_entry.id   3UPZ
#
_cell.length_a   48.270
_cell.length_b   72.790
_cell.length_c   67.290
_cell.angle_alpha   90.000
_cell.angle_beta   103.490
_cell.angle_gamma   90.000
#
_symmetry.space_group_name_H-M   'P 1 21 1'
#
loop_
_entity.id
_entity.type
_entity.pdbx_description
1 polymer 'Calmodulin-domain protein kinase 1'
2 non-polymer 1-(piperidin-4-ylmethyl)-1H-pyrazolo[3,4-d]pyrimidin-4-amine
3 water water
#
_entity_poly.entity_id   1
_entity_poly.type   'polypeptide(L)'
_entity_poly.pdbx_seq_one_letter_code
;GPGSMMDHLHATPGMFVQHSTAIFSDRYKGQRVLGKGSFGEVILCKDKITGQECAVKVISKRQVKQKTDKESLLREVQLL
KQLDHPNIMKLYEFFEDKGYFYLVGEVYTGGELFDEIISRKRFSEVDAARIIRQVLSGITYMHKNKIVHRDLKPENLLLE
SKSKDANIRIIDFGLSTHFEASKKMKDKIGTAYYIAPEVLHGTYDEKCDVWSTGVILYILLSGCPPFNGANEYDILKKVE
KGKYTFELPQWKKVSESAKDLIRKMLTYVPSMRISARDALDHEWIQTYTKEQISVDVPSLDNAILNIRQFQGTQKLAQAA
LLYMGSKLTSQDETKELTAIFHKMDKNGDGQLDRAELIEGYKELMRMKGQDASMLDASAVEHEVDQVLDAVDFDKNGYIE
YSEFVTVAMDRKTLLSRERLERAFRMFDSDNSGKISSTELATIFGVSDVDSETWKSVLSEVDKNNDGEVDFDEFQQMLLK
LCGN
;
_entity_poly.pdbx_strand_id   A
#
# COMPACT_ATOMS: atom_id res chain seq x y z
N THR A 21 -4.44 -18.13 24.32
CA THR A 21 -3.90 -17.10 25.25
C THR A 21 -2.38 -16.89 25.04
N ALA A 22 -1.94 -16.99 23.79
CA ALA A 22 -0.53 -16.74 23.43
C ALA A 22 -0.36 -15.30 22.95
N ILE A 23 0.68 -14.63 23.44
CA ILE A 23 0.91 -13.21 23.15
C ILE A 23 1.93 -13.04 22.02
N PHE A 24 1.68 -12.08 21.15
CA PHE A 24 2.51 -11.84 19.98
C PHE A 24 3.93 -11.40 20.38
N SER A 25 4.04 -10.48 21.33
CA SER A 25 5.34 -9.92 21.71
C SER A 25 6.18 -10.85 22.60
N ASP A 26 5.54 -11.88 23.17
CA ASP A 26 6.28 -12.94 23.86
C ASP A 26 7.12 -13.75 22.87
N ARG A 27 6.73 -13.75 21.60
CA ARG A 27 7.35 -14.59 20.58
C ARG A 27 8.20 -13.81 19.57
N TYR A 28 7.68 -12.67 19.13
CA TYR A 28 8.31 -11.93 18.04
C TYR A 28 8.75 -10.53 18.49
N LYS A 29 9.91 -10.09 17.99
CA LYS A 29 10.36 -8.71 18.14
C LYS A 29 10.40 -8.02 16.78
N GLY A 30 10.07 -6.73 16.75
CA GLY A 30 10.12 -5.93 15.53
C GLY A 30 11.53 -5.51 15.20
N GLN A 31 11.93 -5.73 13.94
CA GLN A 31 13.25 -5.34 13.46
CA GLN A 31 13.25 -5.33 13.47
C GLN A 31 13.16 -3.97 12.79
N ARG A 32 12.21 -3.84 11.86
CA ARG A 32 12.01 -2.60 11.11
CA ARG A 32 12.01 -2.60 11.13
C ARG A 32 10.66 -2.61 10.40
N VAL A 33 10.27 -1.46 9.87
CA VAL A 33 9.01 -1.31 9.14
C VAL A 33 9.22 -1.73 7.69
N LEU A 34 8.28 -2.53 7.17
CA LEU A 34 8.35 -2.98 5.77
C LEU A 34 7.48 -2.13 4.85
N GLY A 35 6.47 -1.46 5.42
CA GLY A 35 5.63 -0.55 4.67
C GLY A 35 4.16 -0.67 4.99
N LYS A 36 3.34 0.00 4.21
CA LYS A 36 1.91 0.09 4.44
C LYS A 36 1.20 -0.82 3.45
N GLY A 37 0.31 -1.66 3.98
CA GLY A 37 -0.54 -2.49 3.16
C GLY A 37 -2.00 -2.16 3.42
N SER A 38 -2.90 -2.92 2.80
CA SER A 38 -4.32 -2.82 3.10
C SER A 38 -4.55 -3.31 4.52
N PHE A 39 -5.35 -2.55 5.27
CA PHE A 39 -5.78 -2.88 6.64
C PHE A 39 -4.78 -2.57 7.74
N GLY A 40 -3.51 -2.34 7.41
CA GLY A 40 -2.52 -2.00 8.41
C GLY A 40 -1.09 -1.89 7.94
N GLU A 41 -0.19 -1.65 8.90
CA GLU A 41 1.24 -1.57 8.65
C GLU A 41 1.84 -2.97 8.66
N VAL A 42 2.87 -3.17 7.85
CA VAL A 42 3.59 -4.44 7.84
C VAL A 42 4.98 -4.23 8.45
N ILE A 43 5.28 -4.99 9.50
CA ILE A 43 6.57 -4.92 10.18
C ILE A 43 7.35 -6.21 9.93
N LEU A 44 8.65 -6.08 9.64
CA LEU A 44 9.55 -7.25 9.60
C LEU A 44 9.87 -7.63 11.03
N CYS A 45 9.51 -8.85 11.42
CA CYS A 45 9.69 -9.32 12.79
C CYS A 45 10.54 -10.57 12.81
N LYS A 46 11.04 -10.90 14.00
CA LYS A 46 11.93 -12.02 14.18
C LYS A 46 11.53 -12.83 15.41
N ASP A 47 11.48 -14.16 15.28
CA ASP A 47 11.17 -15.04 16.41
C ASP A 47 12.33 -14.97 17.43
N LYS A 48 12.00 -14.74 18.70
CA LYS A 48 13.02 -14.53 19.74
C LYS A 48 13.82 -15.78 20.10
N ILE A 49 13.34 -16.96 19.70
CA ILE A 49 14.05 -18.22 19.96
C ILE A 49 14.70 -18.80 18.70
N THR A 50 13.92 -18.95 17.64
CA THR A 50 14.37 -19.62 16.42
C THR A 50 15.12 -18.71 15.45
N GLY A 51 14.90 -17.39 15.57
CA GLY A 51 15.54 -16.43 14.66
C GLY A 51 14.83 -16.25 13.33
N GLN A 52 13.71 -16.96 13.15
CA GLN A 52 12.94 -16.90 11.90
C GLN A 52 12.42 -15.49 11.65
N GLU A 53 12.68 -14.97 10.46
CA GLU A 53 12.14 -13.68 10.04
C GLU A 53 10.75 -13.85 9.44
N CYS A 54 9.84 -12.93 9.77
CA CYS A 54 8.46 -12.95 9.27
CA CYS A 54 8.48 -12.95 9.24
C CYS A 54 7.98 -11.55 8.95
N ALA A 55 7.07 -11.44 7.98
CA ALA A 55 6.38 -10.19 7.69
C ALA A 55 5.07 -10.18 8.49
N VAL A 56 4.95 -9.28 9.47
CA VAL A 56 3.75 -9.22 10.31
C VAL A 56 2.87 -8.03 9.95
N LYS A 57 1.66 -8.32 9.48
CA LYS A 57 0.68 -7.28 9.25
C LYS A 57 -0.11 -7.04 10.54
N VAL A 58 -0.11 -5.79 11.00
CA VAL A 58 -0.74 -5.40 12.26
C VAL A 58 -2.00 -4.58 11.95
N ILE A 59 -3.17 -5.16 12.23
CA ILE A 59 -4.46 -4.52 11.94
C ILE A 59 -5.06 -3.94 13.23
N SER A 60 -5.31 -2.63 13.20
CA SER A 60 -5.84 -1.91 14.36
C SER A 60 -7.36 -2.03 14.42
N LYS A 61 -7.87 -2.53 15.55
CA LYS A 61 -9.33 -2.69 15.73
C LYS A 61 -10.09 -1.36 15.69
N ARG A 62 -9.46 -0.29 16.17
CA ARG A 62 -10.07 1.04 16.14
C ARG A 62 -10.18 1.61 14.73
N GLN A 63 -9.19 1.32 13.88
CA GLN A 63 -9.15 1.83 12.51
C GLN A 63 -9.93 0.97 11.53
N VAL A 64 -9.98 -0.33 11.78
CA VAL A 64 -10.58 -1.30 10.86
C VAL A 64 -11.64 -2.15 11.56
N LYS A 65 -12.86 -2.12 11.00
CA LYS A 65 -13.98 -2.89 11.53
C LYS A 65 -13.99 -4.29 10.93
N GLN A 66 -14.54 -5.25 11.68
CA GLN A 66 -14.73 -6.61 11.20
C GLN A 66 -16.07 -6.74 10.49
N LYS A 67 -16.13 -7.58 9.46
CA LYS A 67 -17.35 -7.85 8.71
C LYS A 67 -18.03 -9.15 9.17
N THR A 68 -17.26 -10.06 9.77
CA THR A 68 -17.76 -11.35 10.22
C THR A 68 -17.56 -11.49 11.73
N ASP A 69 -18.13 -12.55 12.31
CA ASP A 69 -17.98 -12.82 13.73
C ASP A 69 -16.65 -13.52 14.05
N LYS A 70 -16.36 -13.65 15.35
CA LYS A 70 -15.13 -14.30 15.84
C LYS A 70 -14.92 -15.70 15.27
N GLU A 71 -15.99 -16.49 15.26
CA GLU A 71 -15.91 -17.88 14.82
CA GLU A 71 -15.95 -17.89 14.80
C GLU A 71 -15.51 -18.00 13.34
N SER A 72 -16.11 -17.18 12.49
CA SER A 72 -15.84 -17.20 11.04
C SER A 72 -14.40 -16.78 10.71
N LEU A 73 -13.89 -15.80 11.43
CA LEU A 73 -12.50 -15.34 11.26
C LEU A 73 -11.49 -16.44 11.64
N LEU A 74 -11.71 -17.10 12.77
CA LEU A 74 -10.77 -18.13 13.25
C LEU A 74 -10.70 -19.33 12.31
N ARG A 75 -11.86 -19.76 11.83
CA ARG A 75 -11.95 -20.88 10.90
C ARG A 75 -11.28 -20.58 9.55
N GLU A 76 -11.43 -19.34 9.07
CA GLU A 76 -10.78 -18.91 7.83
C GLU A 76 -9.25 -18.86 7.99
N VAL A 77 -8.81 -18.27 9.09
CA VAL A 77 -7.38 -18.25 9.42
C VAL A 77 -6.82 -19.68 9.49
N GLN A 78 -7.53 -20.55 10.20
CA GLN A 78 -7.14 -21.97 10.32
C GLN A 78 -7.00 -22.64 8.95
N LEU A 79 -7.91 -22.34 8.02
CA LEU A 79 -7.80 -22.88 6.65
C LEU A 79 -6.58 -22.29 5.95
N LEU A 80 -6.44 -20.96 5.99
CA LEU A 80 -5.37 -20.24 5.27
C LEU A 80 -3.97 -20.69 5.69
N LYS A 81 -3.77 -21.01 6.96
CA LYS A 81 -2.49 -21.51 7.45
C LYS A 81 -2.10 -22.85 6.83
N GLN A 82 -3.09 -23.65 6.41
CA GLN A 82 -2.83 -24.97 5.81
C GLN A 82 -2.61 -24.93 4.31
N LEU A 83 -3.09 -23.87 3.66
CA LEU A 83 -2.99 -23.76 2.20
C LEU A 83 -1.55 -23.49 1.80
N ASP A 84 -1.14 -24.04 0.67
CA ASP A 84 0.23 -23.88 0.18
C ASP A 84 0.25 -23.84 -1.35
N HIS A 85 0.79 -22.76 -1.91
CA HIS A 85 0.96 -22.62 -3.35
C HIS A 85 2.09 -21.65 -3.59
N PRO A 86 2.92 -21.90 -4.63
CA PRO A 86 4.10 -21.04 -4.84
C PRO A 86 3.80 -19.57 -5.20
N ASN A 87 2.60 -19.29 -5.71
CA ASN A 87 2.20 -17.93 -6.08
C ASN A 87 1.27 -17.26 -5.05
N ILE A 88 1.22 -17.81 -3.84
CA ILE A 88 0.35 -17.29 -2.78
C ILE A 88 1.17 -17.08 -1.49
N MET A 89 1.03 -15.92 -0.87
CA MET A 89 1.77 -15.65 0.39
C MET A 89 1.46 -16.72 1.43
N LYS A 90 2.50 -17.20 2.09
CA LYS A 90 2.38 -18.21 3.11
C LYS A 90 2.11 -17.53 4.45
N LEU A 91 1.03 -17.95 5.11
CA LEU A 91 0.65 -17.48 6.43
CA LEU A 91 0.67 -17.47 6.44
C LEU A 91 1.06 -18.52 7.48
N TYR A 92 1.67 -18.06 8.57
CA TYR A 92 2.18 -18.94 9.63
C TYR A 92 1.34 -18.93 10.90
N GLU A 93 1.04 -17.74 11.42
CA GLU A 93 0.41 -17.59 12.73
C GLU A 93 -0.57 -16.42 12.75
N PHE A 94 -1.52 -16.50 13.69
CA PHE A 94 -2.50 -15.44 13.91
C PHE A 94 -2.59 -15.17 15.40
N PHE A 95 -2.57 -13.89 15.77
CA PHE A 95 -2.70 -13.48 17.16
C PHE A 95 -3.78 -12.41 17.24
N GLU A 96 -4.23 -12.16 18.46
CA GLU A 96 -5.26 -11.18 18.71
C GLU A 96 -5.15 -10.71 20.15
N ASP A 97 -5.26 -9.39 20.35
CA ASP A 97 -5.32 -8.83 21.70
C ASP A 97 -6.41 -7.77 21.74
N LYS A 98 -6.44 -6.96 22.79
CA LYS A 98 -7.52 -5.98 23.00
C LYS A 98 -7.67 -4.98 21.84
N GLY A 99 -6.58 -4.65 21.17
CA GLY A 99 -6.59 -3.59 20.13
C GLY A 99 -6.11 -3.95 18.73
N TYR A 100 -5.57 -5.15 18.55
CA TYR A 100 -4.94 -5.51 17.27
C TYR A 100 -5.13 -6.96 16.86
N PHE A 101 -5.04 -7.18 15.55
CA PHE A 101 -4.84 -8.51 14.97
C PHE A 101 -3.43 -8.52 14.41
N TYR A 102 -2.75 -9.67 14.50
CA TYR A 102 -1.40 -9.81 13.96
C TYR A 102 -1.39 -10.97 12.97
N LEU A 103 -1.22 -10.67 11.68
CA LEU A 103 -1.13 -11.71 10.65
C LEU A 103 0.33 -12.00 10.33
N VAL A 104 0.83 -13.15 10.79
CA VAL A 104 2.26 -13.50 10.69
C VAL A 104 2.49 -14.40 9.48
N GLY A 105 3.30 -13.92 8.53
CA GLY A 105 3.60 -14.69 7.32
C GLY A 105 5.01 -14.50 6.80
N GLU A 106 5.28 -15.15 5.68
CA GLU A 106 6.61 -15.18 5.08
C GLU A 106 7.02 -13.82 4.52
N VAL A 107 8.29 -13.46 4.71
CA VAL A 107 8.85 -12.23 4.15
C VAL A 107 9.21 -12.42 2.68
N TYR A 108 8.87 -11.43 1.85
CA TYR A 108 9.31 -11.37 0.45
C TYR A 108 10.07 -10.06 0.21
N THR A 109 11.14 -10.14 -0.57
CA THR A 109 12.11 -9.04 -0.68
C THR A 109 12.29 -8.49 -2.10
N GLY A 110 11.55 -9.03 -3.07
CA GLY A 110 11.66 -8.59 -4.46
C GLY A 110 10.97 -7.28 -4.76
N GLY A 111 10.05 -6.85 -3.90
CA GLY A 111 9.29 -5.62 -4.11
C GLY A 111 8.11 -5.84 -5.06
N GLU A 112 7.40 -4.75 -5.36
CA GLU A 112 6.21 -4.81 -6.20
C GLU A 112 6.57 -5.17 -7.65
N LEU A 113 5.73 -5.99 -8.27
CA LEU A 113 5.93 -6.43 -9.66
C LEU A 113 6.23 -5.24 -10.58
N PHE A 114 5.35 -4.24 -10.57
CA PHE A 114 5.42 -3.09 -11.50
C PHE A 114 6.70 -2.27 -11.34
N ASP A 115 7.25 -2.20 -10.13
CA ASP A 115 8.53 -1.54 -9.90
C ASP A 115 9.71 -2.31 -10.53
N GLU A 116 9.60 -3.63 -10.57
CA GLU A 116 10.60 -4.47 -11.24
C GLU A 116 10.52 -4.29 -12.77
N ILE A 117 9.30 -4.18 -13.29
CA ILE A 117 9.06 -4.11 -14.73
C ILE A 117 9.54 -2.80 -15.35
N ILE A 118 9.39 -1.69 -14.62
CA ILE A 118 9.85 -0.38 -15.09
C ILE A 118 11.39 -0.26 -15.09
N SER A 119 12.07 -1.20 -14.43
CA SER A 119 13.54 -1.22 -14.40
C SER A 119 14.15 -2.11 -15.49
N ARG A 120 13.36 -2.50 -16.48
CA ARG A 120 13.83 -3.36 -17.56
C ARG A 120 13.98 -2.57 -18.86
N LYS A 121 14.92 -2.99 -19.70
CA LYS A 121 15.10 -2.40 -21.02
C LYS A 121 14.00 -2.88 -21.97
N ARG A 122 13.65 -4.16 -21.86
CA ARG A 122 12.63 -4.76 -22.71
C ARG A 122 11.57 -5.54 -21.93
N PHE A 123 10.39 -5.64 -22.54
CA PHE A 123 9.26 -6.34 -21.96
C PHE A 123 8.34 -6.75 -23.10
N SER A 124 8.12 -8.05 -23.26
CA SER A 124 7.29 -8.59 -24.36
C SER A 124 6.08 -9.33 -23.82
N GLU A 125 5.23 -9.77 -24.74
CA GLU A 125 4.07 -10.60 -24.41
C GLU A 125 4.47 -11.91 -23.72
N VAL A 126 5.69 -12.40 -23.98
CA VAL A 126 6.19 -13.60 -23.30
C VAL A 126 6.38 -13.33 -21.81
N ASP A 127 6.94 -12.17 -21.49
CA ASP A 127 7.14 -11.78 -20.10
C ASP A 127 5.79 -11.58 -19.41
N ALA A 128 4.88 -10.86 -20.07
CA ALA A 128 3.53 -10.60 -19.53
C ALA A 128 2.75 -11.90 -19.32
N ALA A 129 2.87 -12.82 -20.27
CA ALA A 129 2.20 -14.12 -20.19
C ALA A 129 2.69 -14.95 -19.01
N ARG A 130 4.00 -14.92 -18.75
CA ARG A 130 4.58 -15.65 -17.63
C ARG A 130 4.14 -15.09 -16.28
N ILE A 131 3.96 -13.77 -16.23
CA ILE A 131 3.47 -13.10 -15.03
C ILE A 131 2.02 -13.48 -14.77
N ILE A 132 1.18 -13.38 -15.81
CA ILE A 132 -0.24 -13.65 -15.69
C ILE A 132 -0.53 -15.14 -15.48
N ARG A 133 0.30 -16.02 -16.03
CA ARG A 133 0.19 -17.44 -15.73
C ARG A 133 0.37 -17.68 -14.24
N GLN A 134 1.33 -16.98 -13.63
CA GLN A 134 1.59 -17.14 -12.19
C GLN A 134 0.41 -16.66 -11.37
N VAL A 135 -0.09 -15.48 -11.68
CA VAL A 135 -1.23 -14.91 -11.00
C VAL A 135 -2.47 -15.80 -11.19
N LEU A 136 -2.72 -16.25 -12.42
CA LEU A 136 -3.86 -17.14 -12.68
C LEU A 136 -3.70 -18.48 -11.96
N SER A 137 -2.47 -18.99 -11.90
CA SER A 137 -2.20 -20.24 -11.18
C SER A 137 -2.56 -20.11 -9.69
N GLY A 138 -2.12 -19.03 -9.06
CA GLY A 138 -2.44 -18.78 -7.65
C GLY A 138 -3.93 -18.59 -7.41
N ILE A 139 -4.58 -17.82 -8.28
CA ILE A 139 -6.00 -17.58 -8.15
C ILE A 139 -6.80 -18.87 -8.29
N THR A 140 -6.46 -19.67 -9.30
CA THR A 140 -7.11 -20.96 -9.52
C THR A 140 -7.07 -21.81 -8.26
N TYR A 141 -5.89 -21.88 -7.64
CA TYR A 141 -5.71 -22.69 -6.44
C TYR A 141 -6.62 -22.21 -5.30
N MET A 142 -6.63 -20.92 -5.03
CA MET A 142 -7.45 -20.37 -3.95
C MET A 142 -8.94 -20.51 -4.24
N HIS A 143 -9.33 -20.41 -5.51
CA HIS A 143 -10.73 -20.60 -5.90
C HIS A 143 -11.19 -22.01 -5.65
N LYS A 144 -10.31 -22.98 -5.94
CA LYS A 144 -10.58 -24.37 -5.57
C LYS A 144 -10.86 -24.55 -4.08
N ASN A 145 -10.25 -23.69 -3.25
CA ASN A 145 -10.48 -23.70 -1.80
C ASN A 145 -11.55 -22.70 -1.31
N LYS A 146 -12.29 -22.09 -2.23
CA LYS A 146 -13.40 -21.19 -1.91
C LYS A 146 -12.95 -19.89 -1.21
N ILE A 147 -11.74 -19.45 -1.50
CA ILE A 147 -11.21 -18.18 -1.02
C ILE A 147 -11.21 -17.19 -2.18
N VAL A 148 -11.85 -16.04 -1.98
CA VAL A 148 -11.89 -14.96 -2.96
C VAL A 148 -11.02 -13.78 -2.47
N HIS A 149 -10.35 -13.09 -3.39
CA HIS A 149 -9.55 -11.90 -3.02
C HIS A 149 -10.41 -10.65 -3.04
N ARG A 150 -10.98 -10.34 -4.20
CA ARG A 150 -11.79 -9.12 -4.40
C ARG A 150 -10.97 -7.84 -4.65
N ASP A 151 -9.88 -7.66 -3.90
CA ASP A 151 -9.06 -6.44 -3.99
C ASP A 151 -7.74 -6.68 -4.70
N LEU A 152 -7.72 -7.58 -5.68
CA LEU A 152 -6.49 -7.91 -6.40
C LEU A 152 -6.02 -6.70 -7.20
N LYS A 153 -4.77 -6.30 -6.99
CA LYS A 153 -4.17 -5.16 -7.69
C LYS A 153 -2.64 -5.27 -7.69
N PRO A 154 -1.95 -4.49 -8.55
CA PRO A 154 -0.49 -4.60 -8.68
C PRO A 154 0.30 -4.56 -7.36
N GLU A 155 -0.15 -3.74 -6.41
CA GLU A 155 0.52 -3.65 -5.10
C GLU A 155 0.41 -4.90 -4.24
N ASN A 156 -0.53 -5.79 -4.59
CA ASN A 156 -0.69 -7.09 -3.94
C ASN A 156 0.09 -8.22 -4.63
N LEU A 157 0.90 -7.85 -5.62
CA LEU A 157 1.76 -8.79 -6.35
C LEU A 157 3.22 -8.46 -6.03
N LEU A 158 3.82 -9.23 -5.12
CA LEU A 158 5.21 -9.04 -4.70
C LEU A 158 6.08 -10.15 -5.29
N LEU A 159 7.28 -9.81 -5.74
CA LEU A 159 8.24 -10.83 -6.18
C LEU A 159 8.94 -11.43 -4.96
N GLU A 160 9.07 -12.75 -4.95
CA GLU A 160 9.56 -13.48 -3.78
C GLU A 160 10.96 -13.04 -3.33
N SER A 161 11.82 -12.76 -4.30
CA SER A 161 13.16 -12.27 -4.01
C SER A 161 13.64 -11.36 -5.14
N LYS A 162 14.88 -10.92 -5.04
CA LYS A 162 15.48 -9.99 -5.99
C LYS A 162 15.95 -10.72 -7.26
N SER A 163 16.04 -12.05 -7.20
CA SER A 163 16.47 -12.86 -8.34
C SER A 163 15.59 -12.60 -9.55
N LYS A 164 16.20 -12.55 -10.73
CA LYS A 164 15.46 -12.34 -11.98
C LYS A 164 14.45 -13.46 -12.26
N ASP A 165 14.66 -14.62 -11.62
CA ASP A 165 13.77 -15.78 -11.77
C ASP A 165 12.67 -15.84 -10.70
N ALA A 166 12.46 -14.74 -9.98
CA ALA A 166 11.59 -14.76 -8.79
C ALA A 166 10.12 -14.98 -9.13
N ASN A 167 9.46 -15.80 -8.31
CA ASN A 167 8.04 -16.02 -8.43
C ASN A 167 7.25 -14.87 -7.82
N ILE A 168 6.06 -14.64 -8.36
CA ILE A 168 5.14 -13.65 -7.83
C ILE A 168 4.41 -14.29 -6.65
N ARG A 169 4.24 -13.54 -5.58
CA ARG A 169 3.47 -13.97 -4.42
C ARG A 169 2.32 -12.99 -4.26
N ILE A 170 1.09 -13.47 -4.35
CA ILE A 170 -0.10 -12.65 -4.15
C ILE A 170 -0.34 -12.54 -2.65
N ILE A 171 -0.57 -11.32 -2.18
CA ILE A 171 -0.78 -11.07 -0.74
C ILE A 171 -2.21 -10.64 -0.44
N ASP A 172 -2.62 -10.84 0.82
CA ASP A 172 -3.94 -10.45 1.33
C ASP A 172 -5.12 -11.28 0.79
N PHE A 173 -4.85 -12.46 0.25
CA PHE A 173 -5.94 -13.31 -0.28
C PHE A 173 -6.85 -13.74 0.86
N GLY A 174 -8.14 -13.42 0.73
CA GLY A 174 -9.14 -13.82 1.72
C GLY A 174 -9.43 -12.81 2.81
N LEU A 175 -8.61 -11.77 2.94
CA LEU A 175 -8.77 -10.81 4.03
C LEU A 175 -10.03 -9.91 3.93
N SER A 176 -10.34 -9.43 2.72
CA SER A 176 -11.42 -8.46 2.55
C SER A 176 -12.81 -9.01 2.95
N THR A 177 -12.96 -10.33 2.95
CA THR A 177 -14.19 -10.97 3.43
C THR A 177 -14.46 -10.72 4.91
N HIS A 178 -13.40 -10.46 5.68
CA HIS A 178 -13.51 -10.33 7.14
C HIS A 178 -13.28 -8.95 7.68
N PHE A 179 -12.62 -8.08 6.94
CA PHE A 179 -12.36 -6.71 7.38
C PHE A 179 -12.92 -5.68 6.41
N GLU A 180 -13.46 -4.59 6.93
CA GLU A 180 -13.98 -3.52 6.09
C GLU A 180 -12.89 -2.57 5.62
N ALA A 181 -12.87 -2.32 4.32
CA ALA A 181 -11.87 -1.46 3.68
C ALA A 181 -12.01 0.00 4.15
N SER A 182 -10.89 0.70 4.15
CA SER A 182 -10.87 2.11 4.49
C SER A 182 -11.63 2.94 3.46
N LYS A 183 -12.31 3.99 3.93
CA LYS A 183 -12.94 4.98 3.05
C LYS A 183 -11.99 6.14 2.77
N LYS A 184 -10.92 6.24 3.57
CA LYS A 184 -9.90 7.29 3.41
C LYS A 184 -9.08 7.09 2.14
N MET A 185 -8.85 8.18 1.41
CA MET A 185 -8.19 8.12 0.10
C MET A 185 -6.74 7.63 0.18
N LYS A 186 -6.04 7.98 1.25
CA LYS A 186 -4.65 7.54 1.46
C LYS A 186 -4.53 6.00 1.49
N ASP A 187 -5.63 5.33 1.79
CA ASP A 187 -5.67 3.87 1.81
C ASP A 187 -6.29 3.29 0.53
N LYS A 188 -6.76 4.14 -0.39
CA LYS A 188 -7.52 3.70 -1.56
C LYS A 188 -6.88 3.98 -2.92
N ILE A 189 -5.67 4.53 -2.93
CA ILE A 189 -4.99 4.81 -4.20
C ILE A 189 -4.82 3.52 -4.98
N GLY A 190 -5.22 3.55 -6.25
CA GLY A 190 -5.12 2.39 -7.12
C GLY A 190 -6.36 1.52 -7.18
N THR A 191 -7.16 1.49 -6.13
CA THR A 191 -8.19 0.45 -5.98
C THR A 191 -9.29 0.49 -7.05
N ALA A 192 -9.72 1.69 -7.42
CA ALA A 192 -10.81 1.88 -8.37
C ALA A 192 -10.57 1.25 -9.76
N TYR A 193 -9.31 1.23 -10.21
CA TYR A 193 -8.99 0.70 -11.55
C TYR A 193 -9.33 -0.80 -11.68
N TYR A 194 -9.18 -1.53 -10.59
CA TYR A 194 -9.11 -2.99 -10.63
C TYR A 194 -10.36 -3.70 -10.12
N ILE A 195 -11.28 -2.97 -9.51
CA ILE A 195 -12.47 -3.56 -8.88
C ILE A 195 -13.50 -3.96 -9.96
N ALA A 196 -14.10 -5.15 -9.81
CA ALA A 196 -15.09 -5.65 -10.76
C ALA A 196 -16.43 -4.92 -10.58
N PRO A 197 -17.18 -4.69 -11.66
CA PRO A 197 -18.43 -3.92 -11.55
C PRO A 197 -19.42 -4.52 -10.57
N GLU A 198 -19.46 -5.85 -10.48
CA GLU A 198 -20.39 -6.53 -9.58
C GLU A 198 -20.05 -6.33 -8.10
N VAL A 199 -18.79 -6.05 -7.78
CA VAL A 199 -18.42 -5.72 -6.39
C VAL A 199 -19.01 -4.36 -5.98
N LEU A 200 -19.11 -3.44 -6.92
CA LEU A 200 -19.74 -2.13 -6.66
C LEU A 200 -21.22 -2.28 -6.30
N HIS A 201 -21.90 -3.23 -6.92
CA HIS A 201 -23.34 -3.40 -6.77
C HIS A 201 -23.77 -4.39 -5.73
N GLY A 202 -22.85 -5.23 -5.24
CA GLY A 202 -23.12 -6.07 -4.07
C GLY A 202 -23.15 -7.58 -4.27
N THR A 203 -23.55 -8.05 -5.45
CA THR A 203 -23.58 -9.48 -5.71
C THR A 203 -22.32 -9.87 -6.47
N TYR A 204 -21.37 -10.50 -5.79
CA TYR A 204 -20.13 -10.92 -6.43
C TYR A 204 -19.67 -12.28 -5.91
N ASP A 205 -18.82 -12.92 -6.71
CA ASP A 205 -18.28 -14.23 -6.39
C ASP A 205 -16.84 -14.28 -6.89
N GLU A 206 -16.22 -15.46 -6.85
CA GLU A 206 -14.81 -15.62 -7.26
C GLU A 206 -14.46 -15.03 -8.63
N LYS A 207 -15.44 -14.90 -9.53
CA LYS A 207 -15.18 -14.31 -10.85
C LYS A 207 -14.64 -12.87 -10.81
N CYS A 208 -14.83 -12.16 -9.69
CA CYS A 208 -14.32 -10.79 -9.57
C CYS A 208 -12.79 -10.73 -9.65
N ASP A 209 -12.13 -11.80 -9.25
CA ASP A 209 -10.67 -11.89 -9.36
C ASP A 209 -10.16 -12.02 -10.79
N VAL A 210 -10.94 -12.64 -11.66
CA VAL A 210 -10.58 -12.78 -13.07
C VAL A 210 -10.66 -11.43 -13.78
N TRP A 211 -11.64 -10.61 -13.40
CA TRP A 211 -11.79 -9.24 -13.92
C TRP A 211 -10.60 -8.39 -13.57
N SER A 212 -10.24 -8.38 -12.28
CA SER A 212 -9.09 -7.60 -11.80
C SER A 212 -7.80 -8.02 -12.49
N THR A 213 -7.65 -9.32 -12.73
CA THR A 213 -6.50 -9.84 -13.45
C THR A 213 -6.50 -9.36 -14.90
N GLY A 214 -7.69 -9.32 -15.51
CA GLY A 214 -7.86 -8.75 -16.84
C GLY A 214 -7.42 -7.30 -16.92
N VAL A 215 -7.76 -6.51 -15.90
CA VAL A 215 -7.33 -5.11 -15.86
C VAL A 215 -5.81 -5.04 -15.78
N ILE A 216 -5.23 -5.90 -14.93
CA ILE A 216 -3.78 -5.94 -14.78
C ILE A 216 -3.11 -6.33 -16.11
N LEU A 217 -3.68 -7.32 -16.80
CA LEU A 217 -3.15 -7.74 -18.10
C LEU A 217 -3.26 -6.64 -19.16
N TYR A 218 -4.37 -5.88 -19.15
CA TYR A 218 -4.56 -4.74 -20.06
C TYR A 218 -3.44 -3.73 -19.87
N ILE A 219 -3.09 -3.47 -18.62
CA ILE A 219 -2.08 -2.49 -18.27
C ILE A 219 -0.67 -3.01 -18.58
N LEU A 220 -0.44 -4.32 -18.44
CA LEU A 220 0.87 -4.89 -18.74
C LEU A 220 1.22 -4.72 -20.22
N LEU A 221 0.22 -4.86 -21.09
CA LEU A 221 0.43 -4.84 -22.53
C LEU A 221 0.29 -3.46 -23.18
N SER A 222 -0.38 -2.52 -22.53
CA SER A 222 -0.56 -1.15 -23.05
C SER A 222 -0.01 -0.04 -22.16
N GLY A 223 0.12 -0.30 -20.86
CA GLY A 223 0.57 0.71 -19.90
C GLY A 223 -0.47 1.73 -19.42
N CYS A 224 -1.73 1.56 -19.83
CA CYS A 224 -2.81 2.46 -19.42
C CYS A 224 -3.96 1.64 -18.82
N PRO A 225 -4.63 2.18 -17.79
CA PRO A 225 -5.80 1.48 -17.31
C PRO A 225 -6.90 1.44 -18.36
N PRO A 226 -7.61 0.31 -18.50
CA PRO A 226 -8.76 0.28 -19.41
C PRO A 226 -9.88 1.23 -18.98
N PHE A 227 -10.09 1.35 -17.67
CA PHE A 227 -11.08 2.26 -17.10
C PHE A 227 -10.39 3.35 -16.31
N ASN A 228 -10.49 4.58 -16.81
CA ASN A 228 -9.74 5.70 -16.28
C ASN A 228 -10.65 6.91 -16.18
N GLY A 229 -10.14 7.97 -15.56
CA GLY A 229 -10.94 9.16 -15.32
C GLY A 229 -10.18 10.16 -14.48
N ALA A 230 -10.75 11.36 -14.35
CA ALA A 230 -10.08 12.50 -13.71
C ALA A 230 -10.08 12.41 -12.19
N ASN A 231 -10.82 11.47 -11.64
CA ASN A 231 -10.91 11.26 -10.20
C ASN A 231 -11.49 9.89 -9.90
N GLU A 232 -11.52 9.51 -8.62
CA GLU A 232 -11.96 8.18 -8.25
C GLU A 232 -13.36 7.85 -8.76
N TYR A 233 -14.30 8.78 -8.58
CA TYR A 233 -15.68 8.48 -8.95
C TYR A 233 -15.86 8.37 -10.46
N ASP A 234 -15.07 9.15 -11.21
CA ASP A 234 -15.09 9.04 -12.67
C ASP A 234 -14.56 7.69 -13.13
N ILE A 235 -13.58 7.15 -12.41
CA ILE A 235 -13.06 5.81 -12.71
C ILE A 235 -14.15 4.77 -12.46
N LEU A 236 -14.79 4.87 -11.30
CA LEU A 236 -15.83 3.94 -10.90
C LEU A 236 -17.03 3.97 -11.86
N LYS A 237 -17.36 5.15 -12.38
CA LYS A 237 -18.41 5.28 -13.40
C LYS A 237 -18.05 4.53 -14.68
N LYS A 238 -16.78 4.60 -15.07
CA LYS A 238 -16.30 3.86 -16.23
C LYS A 238 -16.32 2.35 -16.02
N VAL A 239 -15.87 1.90 -14.86
CA VAL A 239 -15.87 0.46 -14.54
C VAL A 239 -17.30 -0.07 -14.58
N GLU A 240 -18.21 0.70 -13.99
CA GLU A 240 -19.60 0.31 -13.86
C GLU A 240 -20.29 0.17 -15.22
N LYS A 241 -19.96 1.07 -16.15
CA LYS A 241 -20.43 0.95 -17.55
C LYS A 241 -19.73 -0.18 -18.30
N GLY A 242 -18.52 -0.52 -17.88
CA GLY A 242 -17.83 -1.71 -18.36
C GLY A 242 -17.28 -1.67 -19.78
N LYS A 243 -17.32 -0.49 -20.41
CA LYS A 243 -16.90 -0.33 -21.79
C LYS A 243 -15.42 0.09 -21.88
N TYR A 244 -14.67 -0.58 -22.75
CA TYR A 244 -13.26 -0.31 -22.95
C TYR A 244 -12.96 -0.51 -24.43
N THR A 245 -11.80 -0.06 -24.89
CA THR A 245 -11.42 -0.20 -26.29
C THR A 245 -9.96 -0.60 -26.44
N PHE A 246 -9.66 -1.19 -27.61
CA PHE A 246 -8.30 -1.55 -28.00
C PHE A 246 -7.88 -0.67 -29.17
N GLU A 247 -8.16 0.63 -29.10
CA GLU A 247 -7.95 1.55 -30.22
C GLU A 247 -6.69 2.40 -30.10
N LEU A 248 -5.97 2.31 -28.98
CA LEU A 248 -4.70 3.04 -28.82
C LEU A 248 -3.64 2.51 -29.79
N PRO A 249 -2.61 3.33 -30.10
CA PRO A 249 -1.53 2.90 -31.00
C PRO A 249 -0.78 1.64 -30.55
N GLN A 250 -0.48 1.56 -29.26
CA GLN A 250 0.32 0.45 -28.74
C GLN A 250 -0.36 -0.93 -28.79
N TRP A 251 -1.69 -0.95 -28.95
CA TRP A 251 -2.42 -2.21 -29.13
C TRP A 251 -2.19 -2.87 -30.47
N LYS A 252 -1.70 -2.12 -31.46
CA LYS A 252 -1.37 -2.70 -32.75
C LYS A 252 -0.12 -3.59 -32.69
N LYS A 253 0.69 -3.41 -31.65
CA LYS A 253 1.82 -4.31 -31.39
C LYS A 253 1.39 -5.69 -30.84
N VAL A 254 0.15 -5.79 -30.36
CA VAL A 254 -0.29 -6.94 -29.57
C VAL A 254 -1.06 -7.98 -30.40
N SER A 255 -0.82 -9.25 -30.10
CA SER A 255 -1.49 -10.36 -30.76
C SER A 255 -3.00 -10.34 -30.50
N GLU A 256 -3.75 -10.92 -31.43
CA GLU A 256 -5.21 -10.96 -31.32
CA GLU A 256 -5.21 -11.00 -31.35
C GLU A 256 -5.65 -11.86 -30.16
N SER A 257 -4.84 -12.90 -29.87
CA SER A 257 -5.15 -13.84 -28.79
C SER A 257 -5.02 -13.23 -27.40
N ALA A 258 -4.04 -12.34 -27.20
CA ALA A 258 -3.94 -11.55 -25.97
C ALA A 258 -5.20 -10.71 -25.77
N LYS A 259 -5.62 -10.00 -26.82
CA LYS A 259 -6.85 -9.18 -26.76
C LYS A 259 -8.11 -10.04 -26.59
N ASP A 260 -8.08 -11.28 -27.08
CA ASP A 260 -9.19 -12.21 -26.92
C ASP A 260 -9.33 -12.66 -25.48
N LEU A 261 -8.20 -13.01 -24.84
CA LEU A 261 -8.24 -13.38 -23.43
C LEU A 261 -8.76 -12.20 -22.61
N ILE A 262 -8.17 -11.03 -22.81
CA ILE A 262 -8.59 -9.83 -22.09
C ILE A 262 -10.10 -9.60 -22.20
N ARG A 263 -10.66 -9.79 -23.40
CA ARG A 263 -12.10 -9.66 -23.61
C ARG A 263 -12.89 -10.68 -22.76
N LYS A 264 -12.41 -11.90 -22.70
CA LYS A 264 -13.07 -12.93 -21.90
C LYS A 264 -13.00 -12.61 -20.40
N MET A 265 -11.88 -12.05 -19.95
CA MET A 265 -11.70 -11.73 -18.53
C MET A 265 -12.45 -10.47 -18.12
N LEU A 266 -12.55 -9.50 -19.03
CA LEU A 266 -13.34 -8.29 -18.79
C LEU A 266 -14.75 -8.41 -19.38
N THR A 267 -15.32 -9.61 -19.34
CA THR A 267 -16.71 -9.81 -19.70
C THR A 267 -17.56 -9.34 -18.52
N TYR A 268 -18.64 -8.62 -18.82
CA TYR A 268 -19.39 -7.90 -17.80
C TYR A 268 -20.17 -8.84 -16.89
N VAL A 269 -21.00 -9.71 -17.47
CA VAL A 269 -21.80 -10.65 -16.68
C VAL A 269 -20.86 -11.78 -16.17
N PRO A 270 -20.71 -11.91 -14.84
CA PRO A 270 -19.74 -12.87 -14.28
C PRO A 270 -19.96 -14.33 -14.69
N SER A 271 -21.21 -14.76 -14.81
CA SER A 271 -21.50 -16.12 -15.29
C SER A 271 -20.94 -16.39 -16.69
N MET A 272 -20.80 -15.33 -17.50
CA MET A 272 -20.27 -15.45 -18.87
CA MET A 272 -20.28 -15.45 -18.87
C MET A 272 -18.77 -15.18 -18.94
N ARG A 273 -18.20 -14.72 -17.83
CA ARG A 273 -16.77 -14.43 -17.75
C ARG A 273 -16.00 -15.74 -17.58
N ILE A 274 -14.84 -15.82 -18.22
CA ILE A 274 -13.97 -16.99 -18.13
C ILE A 274 -13.50 -17.21 -16.70
N SER A 275 -13.36 -18.47 -16.31
CA SER A 275 -12.87 -18.82 -14.99
C SER A 275 -11.36 -18.70 -15.00
N ALA A 276 -10.76 -18.68 -13.81
CA ALA A 276 -9.31 -18.63 -13.71
C ALA A 276 -8.67 -19.85 -14.36
N ARG A 277 -9.26 -21.02 -14.14
CA ARG A 277 -8.68 -22.30 -14.58
C ARG A 277 -8.71 -22.40 -16.10
N ASP A 278 -9.82 -21.96 -16.69
CA ASP A 278 -9.94 -21.93 -18.15
C ASP A 278 -9.05 -20.87 -18.79
N ALA A 279 -8.77 -19.79 -18.07
CA ALA A 279 -7.84 -18.77 -18.56
C ALA A 279 -6.41 -19.34 -18.69
N LEU A 280 -6.02 -20.25 -17.79
CA LEU A 280 -4.73 -20.94 -17.89
C LEU A 280 -4.59 -21.77 -19.19
N ASP A 281 -5.72 -22.30 -19.68
CA ASP A 281 -5.73 -23.09 -20.91
C ASP A 281 -5.89 -22.26 -22.18
N HIS A 282 -6.01 -20.94 -22.05
CA HIS A 282 -6.24 -20.07 -23.21
C HIS A 282 -5.07 -20.09 -24.15
N GLU A 283 -5.36 -19.97 -25.44
CA GLU A 283 -4.35 -20.00 -26.50
C GLU A 283 -3.15 -19.08 -26.24
N TRP A 284 -3.42 -17.88 -25.73
CA TRP A 284 -2.37 -16.91 -25.44
C TRP A 284 -1.44 -17.35 -24.35
N ILE A 285 -1.98 -17.93 -23.27
CA ILE A 285 -1.13 -18.44 -22.18
C ILE A 285 -0.30 -19.63 -22.69
N GLN A 286 -0.93 -20.49 -23.48
CA GLN A 286 -0.27 -21.70 -24.00
C GLN A 286 0.85 -21.39 -25.00
N THR A 287 0.67 -20.35 -25.81
CA THR A 287 1.65 -20.00 -26.84
C THR A 287 2.85 -19.24 -26.27
N TYR A 288 2.58 -18.24 -25.46
CA TYR A 288 3.61 -17.29 -25.02
C TYR A 288 4.37 -17.68 -23.75
N THR A 289 3.93 -18.73 -23.08
CA THR A 289 4.66 -19.28 -21.92
C THR A 289 5.32 -20.62 -22.23
N LYS A 290 5.45 -20.95 -23.51
CA LYS A 290 6.00 -22.23 -23.96
C LYS A 290 7.53 -22.27 -23.79
N VAL A 297 9.71 -12.55 -30.44
CA VAL A 297 8.63 -11.59 -30.20
C VAL A 297 9.18 -10.20 -29.88
N PRO A 298 8.47 -9.14 -30.30
CA PRO A 298 8.98 -7.79 -30.12
C PRO A 298 8.82 -7.28 -28.68
N SER A 299 9.68 -6.33 -28.31
CA SER A 299 9.58 -5.65 -27.03
C SER A 299 8.47 -4.58 -27.11
N LEU A 300 7.80 -4.34 -26.00
CA LEU A 300 6.73 -3.35 -25.95
C LEU A 300 7.26 -2.08 -25.29
N ASP A 301 8.03 -1.31 -26.05
CA ASP A 301 8.70 -0.10 -25.55
C ASP A 301 7.71 0.95 -25.05
N ASN A 302 6.61 1.12 -25.80
CA ASN A 302 5.59 2.12 -25.46
C ASN A 302 4.81 1.76 -24.19
N ALA A 303 4.59 0.47 -23.96
CA ALA A 303 3.93 0.02 -22.72
C ALA A 303 4.80 0.26 -21.48
N ILE A 304 6.10 -0.05 -21.57
CA ILE A 304 7.05 0.22 -20.48
C ILE A 304 7.10 1.70 -20.13
N LEU A 305 7.09 2.55 -21.15
CA LEU A 305 7.10 4.00 -20.97
C LEU A 305 5.87 4.45 -20.17
N ASN A 306 4.71 3.92 -20.55
CA ASN A 306 3.46 4.32 -19.90
C ASN A 306 3.33 3.75 -18.47
N ILE A 307 3.79 2.53 -18.26
CA ILE A 307 3.78 1.93 -16.92
C ILE A 307 4.70 2.68 -15.95
N ARG A 308 5.85 3.16 -16.45
CA ARG A 308 6.76 3.95 -15.61
C ARG A 308 6.12 5.27 -15.18
N GLN A 309 5.43 5.92 -16.11
CA GLN A 309 4.72 7.17 -15.82
C GLN A 309 3.51 6.94 -14.92
N PHE A 310 2.76 5.88 -15.20
CA PHE A 310 1.64 5.47 -14.37
C PHE A 310 2.10 5.24 -12.93
N GLN A 311 3.17 4.46 -12.78
CA GLN A 311 3.73 4.12 -11.48
C GLN A 311 4.22 5.34 -10.71
N GLY A 312 4.95 6.22 -11.37
CA GLY A 312 5.46 7.43 -10.75
C GLY A 312 4.33 8.33 -10.27
N THR A 313 3.29 8.43 -11.08
CA THR A 313 2.11 9.24 -10.76
C THR A 313 1.35 8.68 -9.56
N GLN A 314 1.16 7.38 -9.53
CA GLN A 314 0.45 6.71 -8.43
C GLN A 314 1.21 6.87 -7.12
N LYS A 315 2.52 6.68 -7.18
CA LYS A 315 3.36 6.74 -5.99
C LYS A 315 3.51 8.15 -5.41
N LEU A 316 3.54 9.18 -6.27
CA LEU A 316 3.62 10.57 -5.77
C LEU A 316 2.30 11.01 -5.10
N ALA A 317 1.17 10.60 -5.66
CA ALA A 317 -0.13 10.87 -5.02
C ALA A 317 -0.22 10.18 -3.65
N GLN A 318 0.21 8.91 -3.58
CA GLN A 318 0.29 8.20 -2.31
C GLN A 318 1.16 8.96 -1.31
N ALA A 319 2.37 9.34 -1.75
CA ALA A 319 3.32 10.02 -0.89
C ALA A 319 2.79 11.39 -0.44
N ALA A 320 2.04 12.06 -1.32
CA ALA A 320 1.41 13.34 -0.99
C ALA A 320 0.36 13.17 0.11
N LEU A 321 -0.53 12.21 -0.07
CA LEU A 321 -1.54 11.90 0.93
C LEU A 321 -0.94 11.44 2.26
N LEU A 322 0.13 10.65 2.21
CA LEU A 322 0.81 10.18 3.43
C LEU A 322 1.52 11.30 4.17
N TYR A 323 2.09 12.25 3.42
CA TYR A 323 2.72 13.43 4.00
C TYR A 323 1.71 14.32 4.72
N MET A 324 0.58 14.55 4.06
CA MET A 324 -0.52 15.33 4.64
C MET A 324 -1.03 14.68 5.92
N GLY A 325 -1.18 13.35 5.89
CA GLY A 325 -1.59 12.59 7.05
C GLY A 325 -0.62 12.70 8.22
N SER A 326 0.67 12.54 7.94
CA SER A 326 1.70 12.57 8.99
C SER A 326 1.88 13.96 9.61
N LYS A 327 1.58 15.01 8.84
CA LYS A 327 1.55 16.36 9.40
C LYS A 327 0.38 16.49 10.39
N LEU A 328 -0.79 15.96 10.02
CA LEU A 328 -1.93 15.99 10.94
C LEU A 328 -1.67 15.13 12.19
N THR A 329 -1.16 13.91 11.99
CA THR A 329 -0.76 13.04 13.10
C THR A 329 0.20 13.74 14.05
N SER A 330 1.13 14.52 13.50
CA SER A 330 2.09 15.28 14.30
C SER A 330 1.45 16.40 15.14
N GLN A 331 0.54 17.17 14.52
CA GLN A 331 -0.20 18.21 15.26
C GLN A 331 -0.92 17.61 16.46
N ASP A 332 -1.55 16.47 16.23
CA ASP A 332 -2.25 15.69 17.25
C ASP A 332 -1.30 15.24 18.35
N GLU A 333 -0.27 14.49 17.97
CA GLU A 333 0.64 13.86 18.93
C GLU A 333 1.53 14.83 19.73
N THR A 334 1.95 15.93 19.11
CA THR A 334 2.83 16.89 19.78
C THR A 334 2.15 17.46 21.01
N LYS A 335 0.92 17.95 20.83
CA LYS A 335 0.18 18.56 21.93
C LYS A 335 -0.20 17.53 22.97
N GLU A 336 -0.55 16.32 22.53
CA GLU A 336 -0.91 15.25 23.45
C GLU A 336 0.24 14.87 24.36
N LEU A 337 1.42 14.73 23.76
CA LEU A 337 2.61 14.32 24.49
C LEU A 337 3.05 15.39 25.49
N THR A 338 2.92 16.65 25.10
CA THR A 338 3.22 17.78 25.99
C THR A 338 2.29 17.79 27.20
N ALA A 339 1.01 17.49 26.99
CA ALA A 339 0.02 17.47 28.09
C ALA A 339 0.22 16.25 28.99
N ILE A 340 0.63 15.12 28.42
CA ILE A 340 0.96 13.94 29.22
C ILE A 340 2.14 14.23 30.17
N PHE A 341 3.19 14.88 29.65
CA PHE A 341 4.37 15.22 30.46
C PHE A 341 4.11 16.35 31.44
N HIS A 342 3.39 17.39 31.02
CA HIS A 342 3.01 18.47 31.93
C HIS A 342 2.32 17.94 33.15
N LYS A 343 1.35 17.05 32.93
CA LYS A 343 0.65 16.35 34.02
C LYS A 343 1.59 15.48 34.86
N MET A 344 2.55 14.82 34.20
CA MET A 344 3.56 13.98 34.87
C MET A 344 4.49 14.82 35.73
N ASP A 345 4.80 16.04 35.27
CA ASP A 345 5.71 16.95 35.95
C ASP A 345 5.03 17.60 37.16
N LYS A 346 4.80 16.80 38.21
CA LYS A 346 4.06 17.24 39.39
C LYS A 346 4.72 18.44 40.08
N ASN A 347 6.05 18.49 40.03
CA ASN A 347 6.82 19.58 40.63
C ASN A 347 6.69 20.88 39.83
N GLY A 348 6.60 20.75 38.50
CA GLY A 348 6.34 21.89 37.61
C GLY A 348 7.55 22.66 37.13
N ASP A 349 8.73 22.05 37.19
CA ASP A 349 9.98 22.71 36.77
C ASP A 349 10.44 22.31 35.36
N GLY A 350 9.63 21.51 34.66
CA GLY A 350 9.93 21.08 33.29
C GLY A 350 10.94 19.94 33.16
N GLN A 351 11.31 19.33 34.29
CA GLN A 351 12.37 18.31 34.31
C GLN A 351 11.80 16.92 34.58
N LEU A 352 12.06 15.99 33.67
CA LEU A 352 11.71 14.57 33.84
C LEU A 352 12.91 13.69 33.54
N ASP A 353 12.92 12.47 34.09
CA ASP A 353 14.02 11.53 33.81
C ASP A 353 13.65 10.57 32.67
N ARG A 354 14.62 9.75 32.27
CA ARG A 354 14.43 8.82 31.17
C ARG A 354 13.24 7.86 31.38
N ALA A 355 13.11 7.34 32.60
CA ALA A 355 12.01 6.42 32.92
C ALA A 355 10.65 7.12 32.83
N GLU A 356 10.61 8.39 33.21
CA GLU A 356 9.39 9.19 33.13
C GLU A 356 9.04 9.52 31.68
N LEU A 357 10.06 9.83 30.87
CA LEU A 357 9.87 10.05 29.44
C LEU A 357 9.36 8.80 28.73
N ILE A 358 9.89 7.63 29.11
CA ILE A 358 9.44 6.34 28.57
C ILE A 358 7.98 6.05 28.96
N GLU A 359 7.66 6.30 30.23
CA GLU A 359 6.30 6.13 30.75
C GLU A 359 5.28 6.98 29.98
N GLY A 360 5.66 8.23 29.71
CA GLY A 360 4.79 9.18 29.01
C GLY A 360 4.63 8.85 27.54
N TYR A 361 5.69 8.37 26.92
CA TYR A 361 5.67 7.94 25.52
C TYR A 361 4.82 6.67 25.37
N LYS A 362 4.87 5.79 26.36
CA LYS A 362 4.00 4.60 26.39
C LYS A 362 2.54 5.00 26.63
N GLU A 363 2.32 6.01 27.45
CA GLU A 363 0.98 6.56 27.68
C GLU A 363 0.39 7.12 26.39
N LEU A 364 1.23 7.71 25.54
CA LEU A 364 0.80 8.21 24.25
C LEU A 364 0.37 7.08 23.32
N MET A 365 1.06 5.94 23.39
CA MET A 365 0.72 4.77 22.57
C MET A 365 -0.60 4.13 22.97
N ARG A 366 -0.93 4.16 24.26
CA ARG A 366 -2.22 3.65 24.74
C ARG A 366 -3.39 4.48 24.24
N MET A 367 -3.27 5.80 24.34
CA MET A 367 -4.32 6.72 23.90
C MET A 367 -4.51 6.70 22.38
N LYS A 368 -3.39 6.73 21.64
CA LYS A 368 -3.44 6.75 20.18
C LYS A 368 -3.51 5.34 19.59
N GLY A 369 -2.43 4.58 19.73
CA GLY A 369 -2.32 3.27 19.08
C GLY A 369 -2.16 3.41 17.57
N GLN A 370 -1.29 4.33 17.17
CA GLN A 370 -1.02 4.61 15.76
C GLN A 370 0.24 3.89 15.28
N ASP A 371 1.25 3.81 16.15
CA ASP A 371 2.57 3.31 15.79
C ASP A 371 2.65 1.79 15.91
N ALA A 372 2.70 1.11 14.76
CA ALA A 372 2.79 -0.35 14.71
C ALA A 372 4.16 -0.86 15.20
N SER A 373 5.20 -0.06 15.00
CA SER A 373 6.57 -0.46 15.36
C SER A 373 6.88 -0.37 16.87
N MET A 374 5.98 0.22 17.66
CA MET A 374 6.13 0.26 19.12
C MET A 374 5.34 -0.89 19.73
N LEU A 375 5.68 -2.12 19.32
CA LEU A 375 4.90 -3.32 19.66
C LEU A 375 4.79 -3.56 21.16
N ASP A 376 5.89 -3.35 21.87
CA ASP A 376 5.95 -3.61 23.32
C ASP A 376 6.72 -2.51 24.05
N ALA A 377 6.90 -2.67 25.36
CA ALA A 377 7.64 -1.72 26.19
C ALA A 377 9.10 -1.55 25.77
N SER A 378 9.71 -2.63 25.29
CA SER A 378 11.11 -2.62 24.90
C SER A 378 11.39 -1.83 23.60
N ALA A 379 10.37 -1.65 22.77
CA ALA A 379 10.50 -0.87 21.55
C ALA A 379 10.53 0.62 21.87
N VAL A 380 9.61 1.04 22.75
CA VAL A 380 9.52 2.43 23.17
C VAL A 380 10.77 2.90 23.94
N GLU A 381 11.38 2.01 24.71
CA GLU A 381 12.63 2.31 25.42
C GLU A 381 13.75 2.64 24.43
N HIS A 382 13.83 1.88 23.34
CA HIS A 382 14.82 2.11 22.30
C HIS A 382 14.57 3.42 21.60
N GLU A 383 13.31 3.74 21.35
CA GLU A 383 12.96 4.99 20.67
C GLU A 383 13.27 6.22 21.53
N VAL A 384 12.95 6.15 22.82
CA VAL A 384 13.31 7.21 23.76
C VAL A 384 14.82 7.47 23.70
N ASP A 385 15.60 6.38 23.80
CA ASP A 385 17.07 6.45 23.74
C ASP A 385 17.62 7.03 22.44
N GLN A 386 16.94 6.74 21.33
CA GLN A 386 17.32 7.31 20.04
C GLN A 386 17.09 8.82 20.00
N VAL A 387 15.99 9.28 20.58
CA VAL A 387 15.71 10.71 20.66
C VAL A 387 16.68 11.42 21.60
N LEU A 388 16.97 10.79 22.75
CA LEU A 388 17.91 11.35 23.73
C LEU A 388 19.32 11.45 23.16
N ASP A 389 19.76 10.42 22.44
CA ASP A 389 21.09 10.43 21.82
C ASP A 389 21.21 11.44 20.69
N ALA A 390 20.09 11.84 20.10
CA ALA A 390 20.07 12.87 19.08
C ALA A 390 20.17 14.27 19.70
N VAL A 391 19.36 14.49 20.75
CA VAL A 391 19.28 15.80 21.43
C VAL A 391 20.57 16.22 22.17
N ASP A 392 21.47 15.27 22.39
CA ASP A 392 22.74 15.53 23.09
C ASP A 392 22.53 15.91 24.55
N PHE A 393 21.57 15.24 25.19
CA PHE A 393 21.34 15.36 26.63
C PHE A 393 21.64 14.01 27.27
N ASP A 394 22.15 14.03 28.51
CA ASP A 394 22.57 12.80 29.18
C ASP A 394 21.36 11.98 29.61
N LYS A 395 21.41 10.68 29.36
CA LYS A 395 20.26 9.79 29.59
C LYS A 395 20.10 9.31 31.04
N ASN A 396 21.11 9.55 31.89
CA ASN A 396 21.08 9.10 33.29
C ASN A 396 20.72 10.20 34.30
N GLY A 397 20.54 11.43 33.81
CA GLY A 397 20.06 12.54 34.63
C GLY A 397 18.66 12.96 34.21
N TYR A 398 18.22 14.11 34.70
CA TYR A 398 16.89 14.66 34.35
C TYR A 398 16.94 15.55 33.11
N ILE A 399 15.95 15.40 32.24
CA ILE A 399 15.90 16.07 30.93
C ILE A 399 14.77 17.10 30.83
N GLU A 400 14.98 18.13 30.01
CA GLU A 400 13.93 19.09 29.66
C GLU A 400 12.95 18.41 28.70
N TYR A 401 11.69 18.27 29.11
CA TYR A 401 10.73 17.49 28.31
C TYR A 401 10.25 18.19 27.04
N SER A 402 10.18 19.53 27.06
CA SER A 402 9.78 20.29 25.87
C SER A 402 10.76 20.07 24.71
N GLU A 403 12.05 19.98 25.03
CA GLU A 403 13.08 19.73 24.02
C GLU A 403 12.98 18.30 23.46
N PHE A 404 12.64 17.35 24.33
CA PHE A 404 12.45 15.96 23.93
C PHE A 404 11.25 15.79 23.00
N VAL A 405 10.17 16.52 23.29
CA VAL A 405 8.94 16.44 22.48
C VAL A 405 9.21 16.94 21.06
N THR A 406 9.95 18.03 20.93
CA THR A 406 10.26 18.60 19.62
C THR A 406 11.04 17.59 18.78
N VAL A 407 12.07 16.99 19.36
CA VAL A 407 12.92 16.04 18.63
C VAL A 407 12.15 14.77 18.24
N ALA A 408 11.49 14.15 19.22
CA ALA A 408 10.77 12.89 19.01
C ALA A 408 9.75 12.95 17.86
N MET A 409 9.09 14.10 17.71
CA MET A 409 8.09 14.30 16.66
C MET A 409 8.71 14.61 15.30
N ASP A 410 9.82 15.36 15.31
CA ASP A 410 10.57 15.68 14.08
C ASP A 410 11.17 14.43 13.40
N ARG A 411 11.41 13.39 14.18
CA ARG A 411 11.91 12.12 13.65
C ARG A 411 10.87 11.40 12.79
N LYS A 412 9.60 11.70 13.02
CA LYS A 412 8.52 11.22 12.15
C LYS A 412 8.21 12.26 11.06
N THR A 413 8.35 13.54 11.42
CA THR A 413 8.10 14.66 10.52
C THR A 413 9.12 14.75 9.39
N LEU A 414 10.41 14.65 9.73
CA LEU A 414 11.46 14.71 8.72
C LEU A 414 11.49 13.44 7.86
N LEU A 415 11.20 12.29 8.49
CA LEU A 415 11.14 11.01 7.78
C LEU A 415 10.12 11.05 6.65
N SER A 416 8.90 11.48 6.96
CA SER A 416 7.84 11.60 5.97
C SER A 416 8.14 12.69 4.93
N ARG A 417 8.86 13.73 5.35
CA ARG A 417 9.29 14.81 4.47
C ARG A 417 10.24 14.31 3.36
N GLU A 418 11.12 13.39 3.72
CA GLU A 418 12.10 12.82 2.78
C GLU A 418 11.46 11.81 1.82
N ARG A 419 10.47 11.06 2.31
CA ARG A 419 9.70 10.14 1.46
C ARG A 419 8.99 10.89 0.32
N LEU A 420 8.40 12.03 0.66
CA LEU A 420 7.71 12.87 -0.33
C LEU A 420 8.68 13.37 -1.41
N GLU A 421 9.82 13.88 -0.96
CA GLU A 421 10.84 14.42 -1.85
C GLU A 421 11.35 13.37 -2.84
N ARG A 422 11.70 12.20 -2.34
CA ARG A 422 12.13 11.10 -3.20
C ARG A 422 11.10 10.79 -4.27
N ALA A 423 9.83 10.80 -3.87
CA ALA A 423 8.73 10.54 -4.81
C ALA A 423 8.56 11.68 -5.82
N PHE A 424 8.89 12.90 -5.41
CA PHE A 424 8.90 14.08 -6.30
C PHE A 424 10.01 13.95 -7.35
N ARG A 425 11.22 13.61 -6.90
CA ARG A 425 12.36 13.37 -7.80
C ARG A 425 12.09 12.26 -8.80
N MET A 426 11.48 11.18 -8.33
CA MET A 426 11.20 10.03 -9.19
C MET A 426 10.17 10.41 -10.28
N PHE A 427 9.15 11.17 -9.91
CA PHE A 427 8.13 11.62 -10.88
C PHE A 427 8.75 12.59 -11.89
N ASP A 428 9.68 13.42 -11.43
CA ASP A 428 10.35 14.38 -12.30
C ASP A 428 11.47 13.66 -13.06
N SER A 429 11.10 12.80 -14.01
CA SER A 429 12.05 11.97 -14.75
C SER A 429 12.99 12.75 -15.66
N ASP A 430 12.57 13.94 -16.09
CA ASP A 430 13.43 14.85 -16.89
C ASP A 430 14.42 15.69 -16.07
N ASN A 431 14.42 15.53 -14.75
CA ASN A 431 15.28 16.32 -13.85
C ASN A 431 15.15 17.83 -14.09
N SER A 432 13.94 18.26 -14.43
CA SER A 432 13.63 19.67 -14.68
C SER A 432 13.58 20.47 -13.39
N GLY A 433 13.26 19.78 -12.29
CA GLY A 433 13.09 20.42 -10.99
C GLY A 433 11.67 20.91 -10.74
N LYS A 434 10.79 20.73 -11.73
CA LYS A 434 9.44 21.32 -11.71
C LYS A 434 8.36 20.30 -12.07
N ILE A 435 7.17 20.51 -11.53
CA ILE A 435 5.96 19.80 -11.95
C ILE A 435 5.02 20.81 -12.60
N SER A 436 4.57 20.52 -13.81
CA SER A 436 3.67 21.41 -14.54
C SER A 436 2.26 21.41 -13.94
N SER A 437 1.45 22.39 -14.33
CA SER A 437 0.06 22.49 -13.85
C SER A 437 -0.80 21.35 -14.36
N THR A 438 -0.52 20.87 -15.57
CA THR A 438 -1.20 19.70 -16.13
C THR A 438 -0.90 18.47 -15.27
N GLU A 439 0.37 18.31 -14.93
CA GLU A 439 0.79 17.20 -14.06
C GLU A 439 0.17 17.29 -12.66
N LEU A 440 0.05 18.50 -12.12
CA LEU A 440 -0.59 18.68 -10.80
C LEU A 440 -2.04 18.23 -10.83
N ALA A 441 -2.75 18.52 -11.92
CA ALA A 441 -4.13 18.08 -12.09
C ALA A 441 -4.24 16.56 -12.08
N THR A 442 -3.33 15.88 -12.78
CA THR A 442 -3.28 14.41 -12.79
C THR A 442 -3.02 13.86 -11.39
N ILE A 443 -2.01 14.42 -10.71
CA ILE A 443 -1.62 14.00 -9.36
C ILE A 443 -2.76 14.21 -8.36
N PHE A 444 -3.30 15.42 -8.34
CA PHE A 444 -4.39 15.74 -7.42
C PHE A 444 -5.70 15.05 -7.80
N GLY A 445 -5.87 14.68 -9.07
CA GLY A 445 -6.98 13.83 -9.49
C GLY A 445 -6.90 12.43 -8.87
N VAL A 446 -5.72 11.81 -8.94
CA VAL A 446 -5.50 10.50 -8.32
C VAL A 446 -5.62 10.61 -6.79
N SER A 447 -5.14 11.71 -6.22
CA SER A 447 -5.22 11.99 -4.78
C SER A 447 -6.63 12.40 -4.34
N ASP A 448 -7.50 12.66 -5.31
CA ASP A 448 -8.89 13.04 -5.08
C ASP A 448 -9.02 14.34 -4.28
N VAL A 449 -8.08 15.26 -4.47
CA VAL A 449 -8.19 16.61 -3.96
C VAL A 449 -8.98 17.45 -4.95
N ASP A 450 -10.08 18.00 -4.46
CA ASP A 450 -10.98 18.81 -5.27
C ASP A 450 -10.24 19.79 -6.20
N SER A 451 -10.65 19.83 -7.46
CA SER A 451 -9.96 20.62 -8.48
C SER A 451 -9.86 22.11 -8.14
N GLU A 452 -10.98 22.68 -7.73
CA GLU A 452 -11.06 24.09 -7.35
C GLU A 452 -10.22 24.38 -6.09
N THR A 453 -10.06 23.37 -5.23
CA THR A 453 -9.36 23.52 -3.97
C THR A 453 -7.85 23.65 -4.13
N TRP A 454 -7.24 22.81 -4.98
CA TRP A 454 -5.79 22.87 -5.17
C TRP A 454 -5.38 24.04 -6.03
N LYS A 455 -6.19 24.37 -7.04
CA LYS A 455 -5.95 25.57 -7.85
C LYS A 455 -5.90 26.82 -6.98
N SER A 456 -6.83 26.92 -6.02
CA SER A 456 -6.82 27.99 -5.02
C SER A 456 -5.50 28.02 -4.24
N VAL A 457 -5.05 26.86 -3.77
CA VAL A 457 -3.79 26.77 -3.03
C VAL A 457 -2.60 27.10 -3.94
N LEU A 458 -2.66 26.66 -5.19
CA LEU A 458 -1.63 27.00 -6.19
C LEU A 458 -1.56 28.52 -6.43
N SER A 459 -2.72 29.14 -6.66
CA SER A 459 -2.81 30.59 -6.87
C SER A 459 -2.25 31.37 -5.68
N GLU A 460 -2.42 30.83 -4.48
CA GLU A 460 -1.88 31.46 -3.27
C GLU A 460 -0.35 31.44 -3.22
N VAL A 461 0.26 30.40 -3.80
CA VAL A 461 1.72 30.26 -3.78
C VAL A 461 2.39 30.61 -5.12
N ASP A 462 1.73 30.30 -6.23
CA ASP A 462 2.21 30.64 -7.59
C ASP A 462 1.67 32.01 -8.03
N LYS A 463 2.29 33.08 -7.52
CA LYS A 463 1.88 34.45 -7.85
C LYS A 463 2.66 35.05 -9.02
N ASN A 464 3.41 34.22 -9.73
CA ASN A 464 4.14 34.66 -10.93
C ASN A 464 3.58 34.02 -12.22
N ASN A 465 2.50 33.25 -12.09
CA ASN A 465 1.84 32.61 -13.24
C ASN A 465 2.79 31.70 -14.02
N ASP A 466 3.66 30.99 -13.32
CA ASP A 466 4.61 30.09 -13.97
C ASP A 466 3.90 28.86 -14.54
N GLY A 467 2.77 28.51 -13.94
CA GLY A 467 2.04 27.31 -14.33
C GLY A 467 2.81 26.04 -13.96
N GLU A 468 3.64 26.14 -12.93
CA GLU A 468 4.47 25.03 -12.48
C GLU A 468 5.03 25.31 -11.10
N VAL A 469 5.41 24.24 -10.40
CA VAL A 469 5.96 24.35 -9.06
C VAL A 469 7.20 23.49 -8.89
N ASP A 470 8.16 23.97 -8.09
CA ASP A 470 9.30 23.16 -7.70
C ASP A 470 8.92 22.40 -6.43
N PHE A 471 9.86 21.63 -5.88
CA PHE A 471 9.54 20.78 -4.73
C PHE A 471 9.04 21.56 -3.51
N ASP A 472 9.74 22.62 -3.12
CA ASP A 472 9.35 23.38 -1.93
C ASP A 472 7.95 23.98 -2.07
N GLU A 473 7.65 24.49 -3.27
CA GLU A 473 6.32 25.04 -3.55
C GLU A 473 5.23 23.96 -3.45
N PHE A 474 5.57 22.75 -3.92
CA PHE A 474 4.68 21.59 -3.81
C PHE A 474 4.47 21.19 -2.35
N GLN A 475 5.54 21.16 -1.57
CA GLN A 475 5.42 20.90 -0.13
C GLN A 475 4.50 21.93 0.50
N GLN A 476 4.70 23.21 0.16
CA GLN A 476 3.86 24.30 0.70
C GLN A 476 2.38 24.11 0.37
N MET A 477 2.06 23.68 -0.85
CA MET A 477 0.67 23.42 -1.24
C MET A 477 0.04 22.37 -0.33
N LEU A 478 0.75 21.26 -0.14
CA LEU A 478 0.26 20.15 0.69
C LEU A 478 0.03 20.56 2.13
N LEU A 479 0.92 21.41 2.68
CA LEU A 479 0.72 21.92 4.04
C LEU A 479 -0.56 22.75 4.08
N LYS A 480 -0.79 23.55 3.03
CA LYS A 480 -2.01 24.35 2.92
C LYS A 480 -3.27 23.50 2.70
N LEU A 481 -3.10 22.31 2.12
CA LEU A 481 -4.19 21.38 1.91
C LEU A 481 -4.44 20.45 3.11
N CYS A 482 -3.69 20.63 4.20
CA CYS A 482 -4.01 19.97 5.46
C CYS A 482 -4.02 20.98 6.60
N GLY A 483 -4.61 22.14 6.33
CA GLY A 483 -4.87 23.16 7.33
C GLY A 483 -3.68 23.88 7.93
N ASN A 484 -2.56 23.95 7.20
CA ASN A 484 -1.36 24.64 7.67
C ASN A 484 -0.86 25.67 6.66
#